data_2H8Z
#
_entry.id   2H8Z
#
_cell.length_a   57.430
_cell.length_b   83.340
_cell.length_c   156.790
_cell.angle_alpha   90.00
_cell.angle_beta   90.00
_cell.angle_gamma   90.00
#
_symmetry.space_group_name_H-M   'I 2 2 2'
#
loop_
_entity.id
_entity.type
_entity.pdbx_description
1 polymer 'Xenobiotic reductase A'
2 non-polymer 'SULFATE ION'
3 non-polymer 'FLAVIN MONONUCLEOTIDE'
4 non-polymer 8-HYDROXYCOUMARIN
5 water water
#
_entity_poly.entity_id   1
_entity_poly.type   'polypeptide(L)'
_entity_poly.pdbx_seq_one_letter_code
;SALFEPYTLKDVTLRNRIAIPPMCQYMAEDGMINDWHHVHLAGLARGGAGLLVVEATAVAPEGRITPGCAGIWSDAHAQA
FVPVVQAIKAAGSVPGIQIAHAGRKASANRPWEGDDHIAADDTRGWETIAPSAIAFGAHLPKVPREMTLDDIARVKQDFV
DAARRARDAGFEWIELHFAHGYLGQSFFSEHSNKRTDAYGGSFDNRSRFLLETLAAVREVWPENLPLTARFGVLEYDGRD
EQTLEESIELARRFKAGGLDLLSVSVGFTIPDTNIPWGPAFMGPIAERVRREAKLPVTSAWGFGTPQLAEAALQANQLDL
VSVGRAHLADPHWAYFAAKELGVEKASWTLPAPYAHWLE
;
_entity_poly.pdbx_strand_id   A
#
loop_
_chem_comp.id
_chem_comp.type
_chem_comp.name
_chem_comp.formula
8CM non-polymer 8-HYDROXYCOUMARIN 'C9 H6 O3'
FMN non-polymer 'FLAVIN MONONUCLEOTIDE' 'C17 H21 N4 O9 P'
SO4 non-polymer 'SULFATE ION' 'O4 S -2'
#
# COMPACT_ATOMS: atom_id res chain seq x y z
N SER A 1 -26.10 1.87 6.94
CA SER A 1 -25.40 1.63 5.65
C SER A 1 -24.24 0.67 5.86
N ALA A 2 -23.83 0.00 4.79
CA ALA A 2 -22.73 -0.96 4.86
C ALA A 2 -21.40 -0.25 5.09
N LEU A 3 -21.25 0.95 4.56
CA LEU A 3 -20.01 1.69 4.70
C LEU A 3 -19.67 1.95 6.16
N PHE A 4 -20.69 2.04 7.01
CA PHE A 4 -20.45 2.32 8.42
C PHE A 4 -20.61 1.15 9.39
N GLU A 5 -20.53 -0.06 8.85
CA GLU A 5 -20.62 -1.24 9.68
C GLU A 5 -19.17 -1.57 10.06
N PRO A 6 -18.93 -1.93 11.32
CA PRO A 6 -17.57 -2.26 11.75
C PRO A 6 -17.04 -3.49 11.01
N TYR A 7 -15.73 -3.72 11.12
CA TYR A 7 -15.08 -4.85 10.47
C TYR A 7 -14.02 -5.40 11.39
N THR A 8 -14.07 -6.71 11.60
CA THR A 8 -13.08 -7.35 12.46
C THR A 8 -12.22 -8.30 11.65
N LEU A 9 -10.90 -8.18 11.83
CA LEU A 9 -9.93 -9.02 11.15
C LEU A 9 -8.90 -9.34 12.24
N LYS A 10 -8.72 -10.63 12.51
CA LYS A 10 -7.81 -11.04 13.58
C LYS A 10 -8.32 -10.33 14.85
N ASP A 11 -7.43 -9.75 15.65
CA ASP A 11 -7.87 -9.08 16.88
C ASP A 11 -8.18 -7.61 16.73
N VAL A 12 -8.17 -7.11 15.49
CA VAL A 12 -8.43 -5.71 15.23
C VAL A 12 -9.84 -5.44 14.71
N THR A 13 -10.46 -4.41 15.25
CA THR A 13 -11.81 -4.03 14.83
C THR A 13 -11.82 -2.59 14.32
N LEU A 14 -12.24 -2.41 13.08
CA LEU A 14 -12.34 -1.08 12.47
C LEU A 14 -13.77 -0.60 12.72
N ARG A 15 -13.93 0.68 13.07
CA ARG A 15 -15.25 1.23 13.37
C ARG A 15 -16.17 1.36 12.15
N ASN A 16 -15.58 1.29 10.96
CA ASN A 16 -16.36 1.34 9.73
C ASN A 16 -15.55 0.74 8.58
N ARG A 17 -16.11 0.72 7.38
CA ARG A 17 -15.42 0.12 6.23
C ARG A 17 -14.61 1.10 5.40
N ILE A 18 -14.39 2.30 5.94
CA ILE A 18 -13.61 3.30 5.22
C ILE A 18 -12.13 3.18 5.55
N ALA A 19 -11.32 2.95 4.53
CA ALA A 19 -9.89 2.83 4.73
C ALA A 19 -9.19 3.93 3.95
N ILE A 20 -8.19 4.54 4.56
CA ILE A 20 -7.43 5.57 3.86
C ILE A 20 -6.19 4.81 3.40
N PRO A 21 -6.06 4.64 2.07
CA PRO A 21 -4.91 3.92 1.50
C PRO A 21 -3.62 4.69 1.67
N PRO A 22 -2.48 3.99 1.58
CA PRO A 22 -1.20 4.69 1.73
C PRO A 22 -1.06 5.79 0.69
N MET A 23 -0.63 6.97 1.13
CA MET A 23 -0.42 8.09 0.23
C MET A 23 0.83 8.88 0.56
N CYS A 24 1.87 8.65 -0.24
CA CYS A 24 3.16 9.33 -0.09
C CYS A 24 2.97 10.84 -0.03
N GLN A 25 3.68 11.46 0.90
CA GLN A 25 3.62 12.90 1.11
C GLN A 25 4.89 13.60 0.61
N TYR A 26 5.96 12.84 0.40
CA TYR A 26 7.23 13.36 -0.09
C TYR A 26 7.73 14.51 0.79
N MET A 27 7.46 14.41 2.09
CA MET A 27 7.87 15.45 3.04
C MET A 27 8.91 15.03 4.08
N ALA A 28 9.40 13.80 3.97
CA ALA A 28 10.40 13.30 4.91
C ALA A 28 11.80 13.76 4.51
N GLU A 29 12.72 13.74 5.48
CA GLU A 29 14.10 14.14 5.24
C GLU A 29 15.01 12.99 5.65
N ASP A 30 15.74 12.45 4.68
CA ASP A 30 16.62 11.31 4.94
C ASP A 30 15.80 10.19 5.59
N GLY A 31 14.55 10.04 5.14
CA GLY A 31 13.66 9.01 5.65
C GLY A 31 12.93 9.34 6.93
N MET A 32 13.34 10.40 7.62
CA MET A 32 12.71 10.78 8.89
C MET A 32 11.43 11.58 8.70
N ILE A 33 10.31 11.10 9.25
CA ILE A 33 9.08 11.85 9.13
C ILE A 33 9.14 13.00 10.13
N ASN A 34 8.20 13.93 10.03
CA ASN A 34 8.22 15.09 10.91
C ASN A 34 6.79 15.58 11.20
N ASP A 35 6.66 16.84 11.63
CA ASP A 35 5.33 17.35 11.96
C ASP A 35 4.41 17.42 10.76
N TRP A 36 4.93 17.34 9.53
CA TRP A 36 4.01 17.35 8.41
C TRP A 36 3.18 16.08 8.53
N HIS A 37 3.86 14.96 8.71
CA HIS A 37 3.19 13.67 8.81
C HIS A 37 2.34 13.54 10.05
N HIS A 38 2.84 14.02 11.18
CA HIS A 38 2.07 13.93 12.42
C HIS A 38 0.70 14.58 12.31
N VAL A 39 0.67 15.83 11.86
CA VAL A 39 -0.59 16.55 11.74
C VAL A 39 -1.46 15.96 10.64
N HIS A 40 -0.83 15.62 9.52
CA HIS A 40 -1.54 15.03 8.39
C HIS A 40 -2.27 13.75 8.80
N LEU A 41 -1.55 12.82 9.41
CA LEU A 41 -2.12 11.55 9.84
C LEU A 41 -3.09 11.67 11.00
N ALA A 42 -2.72 12.46 12.02
CA ALA A 42 -3.62 12.61 13.16
C ALA A 42 -4.92 13.26 12.70
N GLY A 43 -4.82 14.24 11.80
CA GLY A 43 -6.00 14.91 11.30
C GLY A 43 -6.91 13.95 10.56
N LEU A 44 -6.32 13.06 9.78
CA LEU A 44 -7.08 12.07 9.03
C LEU A 44 -7.74 11.08 9.96
N ALA A 45 -7.03 10.66 11.00
CA ALA A 45 -7.59 9.71 11.96
C ALA A 45 -8.83 10.31 12.64
N ARG A 46 -8.77 11.59 12.96
CA ARG A 46 -9.90 12.26 13.61
C ARG A 46 -11.06 12.45 12.65
N GLY A 47 -10.78 12.37 11.35
CA GLY A 47 -11.80 12.53 10.33
C GLY A 47 -12.86 11.45 10.32
N GLY A 48 -12.57 10.31 10.93
CA GLY A 48 -13.57 9.25 10.99
C GLY A 48 -13.26 7.91 10.37
N ALA A 49 -12.29 7.85 9.46
CA ALA A 49 -11.94 6.61 8.80
C ALA A 49 -11.61 5.52 9.82
N GLY A 50 -12.04 4.31 9.54
CA GLY A 50 -11.79 3.19 10.43
C GLY A 50 -10.35 2.72 10.39
N LEU A 51 -9.70 2.86 9.23
CA LEU A 51 -8.32 2.43 9.08
C LEU A 51 -7.51 3.48 8.32
N LEU A 52 -6.31 3.76 8.82
CA LEU A 52 -5.43 4.73 8.19
C LEU A 52 -4.09 4.06 7.92
N VAL A 53 -3.81 3.79 6.65
CA VAL A 53 -2.55 3.15 6.28
C VAL A 53 -1.53 4.20 5.90
N VAL A 54 -0.45 4.29 6.67
CA VAL A 54 0.62 5.24 6.41
C VAL A 54 1.28 4.92 5.07
N GLU A 55 1.69 5.98 4.39
CA GLU A 55 2.34 5.94 3.07
C GLU A 55 3.50 4.96 2.95
N ALA A 56 3.83 4.61 1.71
CA ALA A 56 4.93 3.71 1.42
C ALA A 56 6.17 4.17 2.19
N THR A 57 6.60 3.34 3.13
CA THR A 57 7.75 3.64 3.96
C THR A 57 8.88 2.66 3.58
N ALA A 58 9.99 3.23 3.10
CA ALA A 58 11.11 2.44 2.64
C ALA A 58 11.80 1.56 3.68
N VAL A 59 12.05 0.31 3.29
CA VAL A 59 12.71 -0.64 4.18
C VAL A 59 14.23 -0.45 4.14
N ALA A 60 14.69 0.35 3.18
CA ALA A 60 16.12 0.64 2.99
C ALA A 60 16.25 1.97 2.28
N PRO A 61 17.38 2.68 2.48
CA PRO A 61 17.54 3.98 1.82
C PRO A 61 17.30 3.97 0.31
N GLU A 62 17.86 2.99 -0.39
CA GLU A 62 17.70 2.93 -1.83
C GLU A 62 16.31 2.46 -2.23
N GLY A 63 15.51 2.08 -1.24
CA GLY A 63 14.14 1.62 -1.50
C GLY A 63 13.13 2.75 -1.54
N ARG A 64 13.58 3.97 -1.25
CA ARG A 64 12.70 5.14 -1.29
C ARG A 64 12.39 5.42 -2.75
N ILE A 65 11.25 6.06 -3.01
CA ILE A 65 10.91 6.41 -4.38
C ILE A 65 11.65 7.71 -4.67
N THR A 66 11.61 8.62 -3.70
CA THR A 66 12.22 9.94 -3.83
C THR A 66 12.97 10.37 -2.57
N PRO A 67 13.69 11.51 -2.65
CA PRO A 67 14.43 12.00 -1.49
C PRO A 67 13.48 12.46 -0.38
N GLY A 68 12.19 12.51 -0.67
CA GLY A 68 11.22 12.93 0.32
C GLY A 68 10.41 11.80 0.93
N CYS A 69 10.73 10.57 0.57
CA CYS A 69 10.00 9.42 1.08
C CYS A 69 10.35 9.05 2.52
N ALA A 70 9.36 8.52 3.23
CA ALA A 70 9.55 8.10 4.61
C ALA A 70 10.31 6.78 4.60
N GLY A 71 11.06 6.53 5.68
CA GLY A 71 11.82 5.31 5.80
C GLY A 71 11.70 4.74 7.20
N ILE A 72 11.99 3.45 7.35
CA ILE A 72 11.94 2.81 8.65
C ILE A 72 13.08 1.79 8.69
N TRP A 73 14.20 2.16 8.07
CA TRP A 73 15.37 1.29 7.98
C TRP A 73 16.30 1.31 9.18
N SER A 74 15.90 2.03 10.23
CA SER A 74 16.69 2.08 11.46
C SER A 74 15.72 2.29 12.61
N ASP A 75 16.16 1.98 13.83
CA ASP A 75 15.29 2.15 14.99
C ASP A 75 14.97 3.63 15.21
N ALA A 76 15.88 4.52 14.83
CA ALA A 76 15.65 5.94 14.99
C ALA A 76 14.51 6.36 14.05
N HIS A 77 14.46 5.75 12.88
CA HIS A 77 13.39 6.06 11.93
C HIS A 77 12.06 5.58 12.49
N ALA A 78 12.08 4.42 13.13
CA ALA A 78 10.86 3.86 13.71
C ALA A 78 10.35 4.71 14.87
N GLN A 79 11.29 5.22 15.67
CA GLN A 79 10.93 6.05 16.81
C GLN A 79 10.10 7.27 16.40
N ALA A 80 10.44 7.84 15.25
CA ALA A 80 9.72 9.02 14.76
C ALA A 80 8.23 8.73 14.56
N PHE A 81 7.87 7.48 14.30
CA PHE A 81 6.48 7.08 14.10
C PHE A 81 5.68 6.90 15.37
N VAL A 82 6.37 6.64 16.49
CA VAL A 82 5.69 6.40 17.76
C VAL A 82 4.62 7.42 18.17
N PRO A 83 4.96 8.72 18.18
CA PRO A 83 3.95 9.70 18.59
C PRO A 83 2.77 9.74 17.62
N VAL A 84 3.04 9.50 16.33
CA VAL A 84 2.01 9.52 15.30
C VAL A 84 1.06 8.34 15.53
N VAL A 85 1.63 7.16 15.72
CA VAL A 85 0.82 5.98 15.96
C VAL A 85 -0.10 6.19 17.16
N GLN A 86 0.45 6.77 18.23
CA GLN A 86 -0.33 7.00 19.44
C GLN A 86 -1.44 8.04 19.20
N ALA A 87 -1.20 9.01 18.34
CA ALA A 87 -2.22 10.02 18.04
C ALA A 87 -3.34 9.41 17.19
N ILE A 88 -2.99 8.50 16.29
CA ILE A 88 -4.00 7.85 15.45
C ILE A 88 -4.91 7.00 16.33
N LYS A 89 -4.32 6.26 17.26
CA LYS A 89 -5.10 5.42 18.17
C LYS A 89 -5.98 6.26 19.07
N ALA A 90 -5.46 7.39 19.57
CA ALA A 90 -6.24 8.26 20.45
C ALA A 90 -7.50 8.72 19.72
N ALA A 91 -7.42 8.82 18.40
CA ALA A 91 -8.55 9.27 17.59
C ALA A 91 -9.54 8.15 17.26
N GLY A 92 -9.22 6.92 17.64
CA GLY A 92 -10.13 5.82 17.38
C GLY A 92 -9.95 5.10 16.05
N SER A 93 -8.95 5.50 15.28
CA SER A 93 -8.70 4.85 14.00
C SER A 93 -7.59 3.82 14.19
N VAL A 94 -7.56 2.82 13.32
CA VAL A 94 -6.52 1.79 13.42
C VAL A 94 -5.31 2.22 12.64
N PRO A 95 -4.13 2.26 13.29
CA PRO A 95 -2.92 2.67 12.58
C PRO A 95 -2.27 1.53 11.79
N GLY A 96 -2.11 1.76 10.50
CA GLY A 96 -1.49 0.76 9.65
C GLY A 96 -0.33 1.41 8.91
N ILE A 97 0.52 0.61 8.30
CA ILE A 97 1.63 1.17 7.55
C ILE A 97 2.02 0.27 6.38
N GLN A 98 2.35 0.89 5.26
CA GLN A 98 2.76 0.14 4.09
C GLN A 98 4.29 0.20 4.02
N ILE A 99 4.95 -0.94 4.10
CA ILE A 99 6.42 -0.94 4.00
C ILE A 99 6.75 -1.33 2.57
N ALA A 100 7.76 -0.67 2.00
CA ALA A 100 8.07 -0.88 0.60
C ALA A 100 9.52 -0.72 0.17
N HIS A 101 9.73 -0.97 -1.11
CA HIS A 101 11.04 -0.82 -1.75
C HIS A 101 10.70 -0.53 -3.21
N ALA A 102 11.04 0.68 -3.63
CA ALA A 102 10.74 1.17 -4.98
C ALA A 102 11.42 0.48 -6.16
N GLY A 103 12.42 -0.34 -5.89
CA GLY A 103 13.08 -1.03 -7.00
C GLY A 103 13.60 -0.10 -8.09
N ARG A 104 13.30 -0.44 -9.34
CA ARG A 104 13.80 0.38 -10.44
C ARG A 104 13.16 1.75 -10.55
N LYS A 105 12.06 1.98 -9.83
CA LYS A 105 11.41 3.28 -9.89
C LYS A 105 11.95 4.21 -8.81
N ALA A 106 12.98 3.77 -8.09
CA ALA A 106 13.58 4.57 -7.03
C ALA A 106 14.45 5.70 -7.57
N SER A 107 14.94 6.55 -6.67
CA SER A 107 15.80 7.70 -7.02
C SER A 107 15.15 8.60 -8.06
N ALA A 108 13.90 8.99 -7.80
CA ALA A 108 13.14 9.86 -8.69
C ALA A 108 12.81 11.16 -7.97
N ASN A 109 12.46 12.19 -8.73
CA ASN A 109 12.09 13.48 -8.17
C ASN A 109 10.68 13.43 -7.60
N ARG A 110 10.38 14.38 -6.72
CA ARG A 110 9.04 14.46 -6.16
C ARG A 110 8.14 14.73 -7.36
N PRO A 111 6.85 14.35 -7.26
CA PRO A 111 5.91 14.57 -8.37
C PRO A 111 5.82 15.99 -8.90
N TRP A 112 5.90 16.98 -8.01
CA TRP A 112 5.83 18.38 -8.43
C TRP A 112 7.20 18.99 -8.68
N GLU A 113 8.22 18.13 -8.77
CA GLU A 113 9.58 18.57 -9.03
C GLU A 113 10.18 17.78 -10.19
N GLY A 114 9.35 17.42 -11.15
CA GLY A 114 9.82 16.68 -12.30
C GLY A 114 9.22 15.30 -12.44
N ASP A 115 9.03 14.62 -11.30
CA ASP A 115 8.45 13.29 -11.26
C ASP A 115 9.23 12.27 -12.09
N ASP A 116 10.46 12.64 -12.45
CA ASP A 116 11.31 11.78 -13.27
C ASP A 116 12.56 11.31 -12.54
N HIS A 117 13.30 10.38 -13.14
CA HIS A 117 14.51 9.90 -12.51
C HIS A 117 15.51 11.04 -12.30
N ILE A 118 16.11 11.05 -11.12
CA ILE A 118 17.08 12.08 -10.76
C ILE A 118 18.33 11.97 -11.63
N ALA A 119 18.87 13.12 -12.03
CA ALA A 119 20.06 13.17 -12.87
C ALA A 119 21.23 12.46 -12.19
N ALA A 120 22.12 11.89 -13.00
CA ALA A 120 23.29 11.18 -12.49
C ALA A 120 24.20 12.01 -11.59
N ASP A 121 24.30 13.30 -11.87
CA ASP A 121 25.17 14.18 -11.09
C ASP A 121 24.50 14.87 -9.89
N ASP A 122 23.23 14.57 -9.66
CA ASP A 122 22.49 15.17 -8.55
C ASP A 122 22.93 14.46 -7.27
N THR A 123 23.42 15.21 -6.29
CA THR A 123 23.91 14.62 -5.04
C THR A 123 22.86 13.89 -4.20
N ARG A 124 21.59 14.03 -4.59
CA ARG A 124 20.51 13.36 -3.84
C ARG A 124 20.23 11.95 -4.37
N GLY A 125 20.65 11.67 -5.59
CA GLY A 125 20.38 10.38 -6.20
C GLY A 125 21.17 9.16 -5.76
N TRP A 126 20.75 8.00 -6.25
CA TRP A 126 21.40 6.76 -5.89
C TRP A 126 21.13 5.66 -6.91
N GLU A 127 21.95 4.61 -6.87
CA GLU A 127 21.78 3.49 -7.77
C GLU A 127 20.54 2.69 -7.40
N THR A 128 19.74 2.36 -8.40
CA THR A 128 18.53 1.59 -8.20
C THR A 128 18.84 0.11 -8.39
N ILE A 129 18.07 -0.75 -7.74
CA ILE A 129 18.25 -2.19 -7.86
C ILE A 129 16.94 -2.84 -8.28
N ALA A 130 17.03 -3.96 -8.99
CA ALA A 130 15.85 -4.64 -9.48
C ALA A 130 16.18 -6.09 -9.84
N PRO A 131 15.16 -6.88 -10.24
CA PRO A 131 15.43 -8.27 -10.61
C PRO A 131 16.36 -8.37 -11.81
N SER A 132 16.18 -7.47 -12.77
CA SER A 132 17.00 -7.45 -13.98
C SER A 132 17.37 -6.03 -14.38
N ALA A 133 18.48 -5.90 -15.11
CA ALA A 133 18.95 -4.59 -15.55
C ALA A 133 18.18 -4.08 -16.75
N ILE A 134 16.92 -3.73 -16.53
CA ILE A 134 16.04 -3.21 -17.58
C ILE A 134 15.31 -2.00 -17.01
N ALA A 135 15.33 -0.90 -17.76
CA ALA A 135 14.67 0.32 -17.32
C ALA A 135 13.17 0.31 -17.59
N PHE A 136 12.44 1.07 -16.78
CA PHE A 136 10.99 1.20 -16.92
C PHE A 136 10.69 1.88 -18.26
N GLY A 137 11.46 2.92 -18.55
CA GLY A 137 11.28 3.67 -19.77
C GLY A 137 10.60 4.99 -19.48
N ALA A 138 10.12 5.67 -20.51
CA ALA A 138 9.45 6.95 -20.34
C ALA A 138 10.21 7.91 -19.44
N HIS A 139 9.55 8.43 -18.41
CA HIS A 139 10.14 9.38 -17.48
C HIS A 139 11.08 8.73 -16.45
N LEU A 140 11.17 7.41 -16.50
CA LEU A 140 12.04 6.67 -15.58
C LEU A 140 12.97 5.79 -16.42
N PRO A 141 13.90 6.42 -17.15
CA PRO A 141 14.87 5.72 -18.01
C PRO A 141 16.07 5.05 -17.35
N LYS A 142 16.33 5.35 -16.08
CA LYS A 142 17.49 4.76 -15.40
C LYS A 142 17.48 3.24 -15.39
N VAL A 143 18.60 2.65 -15.82
CA VAL A 143 18.74 1.21 -15.83
C VAL A 143 19.20 0.78 -14.44
N PRO A 144 18.42 -0.08 -13.78
CA PRO A 144 18.79 -0.54 -12.43
C PRO A 144 19.86 -1.62 -12.48
N ARG A 145 20.48 -1.88 -11.33
CA ARG A 145 21.50 -2.92 -11.24
C ARG A 145 20.79 -4.23 -10.92
N GLU A 146 21.17 -5.30 -11.61
CA GLU A 146 20.59 -6.62 -11.38
C GLU A 146 20.99 -7.10 -9.99
N MET A 147 20.01 -7.45 -9.17
CA MET A 147 20.29 -7.91 -7.82
C MET A 147 21.00 -9.26 -7.75
N THR A 148 21.90 -9.39 -6.78
CA THR A 148 22.61 -10.65 -6.55
C THR A 148 21.77 -11.41 -5.54
N LEU A 149 22.09 -12.68 -5.30
CA LEU A 149 21.34 -13.44 -4.32
C LEU A 149 21.49 -12.79 -2.95
N ASP A 150 22.67 -12.21 -2.69
CA ASP A 150 22.89 -11.55 -1.42
C ASP A 150 22.02 -10.29 -1.30
N ASP A 151 21.83 -9.58 -2.41
CA ASP A 151 20.98 -8.40 -2.38
C ASP A 151 19.56 -8.85 -2.00
N ILE A 152 19.14 -9.97 -2.58
CA ILE A 152 17.81 -10.51 -2.30
C ILE A 152 17.66 -10.85 -0.83
N ALA A 153 18.65 -11.52 -0.27
CA ALA A 153 18.62 -11.89 1.13
C ALA A 153 18.58 -10.65 2.00
N ARG A 154 19.35 -9.64 1.62
CA ARG A 154 19.42 -8.41 2.39
C ARG A 154 18.09 -7.65 2.36
N VAL A 155 17.49 -7.51 1.18
CA VAL A 155 16.21 -6.80 1.09
C VAL A 155 15.12 -7.54 1.86
N LYS A 156 15.14 -8.87 1.81
CA LYS A 156 14.12 -9.62 2.55
C LYS A 156 14.29 -9.32 4.04
N GLN A 157 15.53 -9.30 4.51
CA GLN A 157 15.77 -9.01 5.91
C GLN A 157 15.39 -7.57 6.24
N ASP A 158 15.53 -6.66 5.27
CA ASP A 158 15.14 -5.27 5.49
C ASP A 158 13.64 -5.23 5.70
N PHE A 159 12.89 -6.05 4.97
CA PHE A 159 11.44 -6.07 5.15
C PHE A 159 11.12 -6.63 6.53
N VAL A 160 11.87 -7.64 6.96
CA VAL A 160 11.63 -8.22 8.28
C VAL A 160 11.89 -7.18 9.37
N ASP A 161 13.02 -6.49 9.28
CA ASP A 161 13.35 -5.48 10.27
C ASP A 161 12.31 -4.36 10.28
N ALA A 162 11.84 -3.99 9.09
CA ALA A 162 10.84 -2.93 8.95
C ALA A 162 9.54 -3.35 9.63
N ALA A 163 9.15 -4.61 9.45
CA ALA A 163 7.93 -5.10 10.06
C ALA A 163 8.08 -5.18 11.57
N ARG A 164 9.26 -5.61 12.02
CA ARG A 164 9.55 -5.72 13.45
C ARG A 164 9.47 -4.31 14.05
N ARG A 165 10.03 -3.33 13.35
CA ARG A 165 9.98 -1.95 13.83
C ARG A 165 8.57 -1.40 13.84
N ALA A 166 7.79 -1.73 12.82
CA ALA A 166 6.41 -1.25 12.75
C ALA A 166 5.65 -1.81 13.94
N ARG A 167 5.88 -3.09 14.21
CA ARG A 167 5.25 -3.76 15.34
C ARG A 167 5.56 -3.04 16.64
N ASP A 168 6.85 -2.86 16.92
CA ASP A 168 7.26 -2.21 18.16
C ASP A 168 6.87 -0.74 18.27
N ALA A 169 6.57 -0.09 17.14
CA ALA A 169 6.16 1.31 17.16
C ALA A 169 4.68 1.42 17.48
N GLY A 170 3.98 0.29 17.47
CA GLY A 170 2.57 0.31 17.81
C GLY A 170 1.58 0.10 16.67
N PHE A 171 2.06 -0.07 15.45
CA PHE A 171 1.16 -0.29 14.33
C PHE A 171 0.36 -1.57 14.57
N GLU A 172 -0.89 -1.58 14.14
CA GLU A 172 -1.76 -2.74 14.33
C GLU A 172 -2.21 -3.34 13.01
N TRP A 173 -1.58 -2.89 11.92
CA TRP A 173 -1.94 -3.33 10.59
C TRP A 173 -0.74 -3.09 9.68
N ILE A 174 -0.33 -4.11 8.92
CA ILE A 174 0.80 -3.92 8.04
C ILE A 174 0.45 -4.32 6.61
N GLU A 175 1.02 -3.60 5.66
CA GLU A 175 0.77 -3.86 4.25
C GLU A 175 2.08 -3.90 3.49
N LEU A 176 2.39 -5.06 2.90
CA LEU A 176 3.61 -5.19 2.12
C LEU A 176 3.32 -4.63 0.72
N HIS A 177 4.16 -3.70 0.27
CA HIS A 177 3.95 -3.08 -1.05
C HIS A 177 4.49 -3.91 -2.21
N PHE A 178 3.66 -4.82 -2.72
CA PHE A 178 4.05 -5.67 -3.84
C PHE A 178 3.33 -5.21 -5.11
N ALA A 179 3.02 -3.92 -5.21
CA ALA A 179 2.31 -3.42 -6.38
C ALA A 179 2.96 -2.22 -7.02
N HIS A 180 2.29 -1.71 -8.04
CA HIS A 180 2.69 -0.50 -8.75
C HIS A 180 4.08 -0.43 -9.38
N GLY A 181 4.58 -1.60 -9.80
CA GLY A 181 5.86 -1.66 -10.48
C GLY A 181 7.13 -1.52 -9.66
N TYR A 182 7.00 -1.48 -8.34
CA TYR A 182 8.17 -1.36 -7.48
C TYR A 182 8.83 -2.73 -7.37
N LEU A 183 9.78 -2.88 -6.45
CA LEU A 183 10.51 -4.14 -6.36
C LEU A 183 9.70 -5.42 -6.38
N GLY A 184 8.76 -5.57 -5.45
CA GLY A 184 7.95 -6.79 -5.41
C GLY A 184 7.20 -7.08 -6.69
N GLN A 185 6.48 -6.09 -7.20
CA GLN A 185 5.74 -6.29 -8.44
C GLN A 185 6.69 -6.66 -9.57
N SER A 186 7.84 -6.01 -9.63
CA SER A 186 8.79 -6.27 -10.70
C SER A 186 9.38 -7.68 -10.69
N PHE A 187 9.36 -8.35 -9.55
CA PHE A 187 9.86 -9.72 -9.48
C PHE A 187 8.82 -10.67 -10.06
N PHE A 188 7.54 -10.35 -9.87
CA PHE A 188 6.49 -11.21 -10.39
C PHE A 188 6.30 -11.08 -11.90
N SER A 189 6.41 -9.87 -12.42
CA SER A 189 6.19 -9.62 -13.84
C SER A 189 7.30 -10.04 -14.80
N GLU A 190 6.91 -10.76 -15.85
CA GLU A 190 7.87 -11.19 -16.86
C GLU A 190 8.42 -10.01 -17.65
N HIS A 191 7.72 -8.87 -17.59
CA HIS A 191 8.18 -7.67 -18.29
C HIS A 191 9.51 -7.18 -17.72
N SER A 192 9.62 -7.26 -16.40
CA SER A 192 10.79 -6.78 -15.68
C SER A 192 11.72 -7.84 -15.12
N ASN A 193 11.24 -9.07 -15.02
CA ASN A 193 12.07 -10.15 -14.48
C ASN A 193 12.52 -11.10 -15.57
N LYS A 194 13.80 -11.02 -15.91
CA LYS A 194 14.38 -11.88 -16.94
C LYS A 194 15.42 -12.82 -16.33
N ARG A 195 15.38 -12.96 -15.00
CA ARG A 195 16.34 -13.81 -14.29
C ARG A 195 16.22 -15.27 -14.68
N THR A 196 17.34 -15.99 -14.54
CA THR A 196 17.39 -17.40 -14.87
C THR A 196 17.72 -18.25 -13.64
N ASP A 197 17.81 -17.62 -12.48
CA ASP A 197 18.09 -18.37 -11.26
C ASP A 197 16.78 -18.74 -10.57
N ALA A 198 16.85 -19.02 -9.27
CA ALA A 198 15.66 -19.41 -8.53
C ALA A 198 14.60 -18.33 -8.41
N TYR A 199 14.94 -17.10 -8.78
CA TYR A 199 14.00 -15.99 -8.65
C TYR A 199 13.42 -15.47 -9.96
N GLY A 200 13.60 -16.23 -11.03
CA GLY A 200 13.08 -15.82 -12.32
C GLY A 200 12.77 -16.99 -13.22
N GLY A 201 11.96 -16.73 -14.26
CA GLY A 201 11.58 -17.75 -15.19
C GLY A 201 10.16 -18.23 -14.99
N SER A 202 10.01 -19.30 -14.23
CA SER A 202 8.71 -19.90 -13.96
C SER A 202 7.84 -19.07 -13.03
N PHE A 203 6.58 -19.49 -12.92
CA PHE A 203 5.61 -18.85 -12.04
C PHE A 203 6.12 -18.96 -10.61
N ASP A 204 6.57 -20.16 -10.24
CA ASP A 204 7.08 -20.40 -8.89
C ASP A 204 8.29 -19.54 -8.57
N ASN A 205 9.20 -19.41 -9.53
CA ASN A 205 10.41 -18.61 -9.33
C ASN A 205 10.11 -17.12 -9.25
N ARG A 206 9.19 -16.64 -10.09
CA ARG A 206 8.83 -15.23 -10.07
C ARG A 206 8.04 -14.89 -8.80
N SER A 207 7.35 -15.89 -8.25
CA SER A 207 6.57 -15.70 -7.03
C SER A 207 7.45 -15.77 -5.79
N ARG A 208 8.59 -16.45 -5.92
CA ARG A 208 9.49 -16.68 -4.80
C ARG A 208 9.87 -15.49 -3.92
N PHE A 209 10.31 -14.39 -4.53
CA PHE A 209 10.69 -13.23 -3.72
C PHE A 209 9.53 -12.74 -2.86
N LEU A 210 8.34 -12.67 -3.46
CA LEU A 210 7.17 -12.20 -2.74
C LEU A 210 6.75 -13.17 -1.64
N LEU A 211 6.73 -14.46 -1.95
CA LEU A 211 6.35 -15.46 -0.96
C LEU A 211 7.36 -15.57 0.18
N GLU A 212 8.65 -15.52 -0.15
CA GLU A 212 9.68 -15.61 0.89
C GLU A 212 9.67 -14.38 1.78
N THR A 213 9.41 -13.22 1.20
CA THR A 213 9.36 -11.97 1.97
C THR A 213 8.15 -12.02 2.91
N LEU A 214 7.02 -12.49 2.41
CA LEU A 214 5.83 -12.59 3.25
C LEU A 214 6.09 -13.55 4.41
N ALA A 215 6.67 -14.71 4.11
CA ALA A 215 6.97 -15.71 5.14
C ALA A 215 7.94 -15.19 6.18
N ALA A 216 8.95 -14.45 5.73
CA ALA A 216 9.95 -13.90 6.64
C ALA A 216 9.33 -12.85 7.55
N VAL A 217 8.46 -12.02 6.99
CA VAL A 217 7.80 -10.97 7.78
C VAL A 217 6.86 -11.63 8.78
N ARG A 218 6.19 -12.69 8.36
CA ARG A 218 5.26 -13.40 9.22
C ARG A 218 5.90 -13.88 10.52
N GLU A 219 7.21 -14.13 10.50
CA GLU A 219 7.90 -14.60 11.70
C GLU A 219 7.99 -13.54 12.80
N VAL A 220 7.98 -12.27 12.42
CA VAL A 220 8.07 -11.20 13.41
C VAL A 220 6.79 -10.40 13.59
N TRP A 221 5.85 -10.54 12.66
CA TRP A 221 4.58 -9.83 12.76
C TRP A 221 3.57 -10.64 13.56
N PRO A 222 3.00 -10.03 14.62
CA PRO A 222 2.02 -10.71 15.48
C PRO A 222 0.87 -11.39 14.74
N GLU A 223 0.61 -12.63 15.12
CA GLU A 223 -0.47 -13.42 14.52
C GLU A 223 -1.83 -12.74 14.69
N ASN A 224 -2.00 -12.01 15.79
CA ASN A 224 -3.27 -11.36 16.07
C ASN A 224 -3.49 -9.99 15.40
N LEU A 225 -2.53 -9.57 14.57
CA LEU A 225 -2.66 -8.30 13.86
C LEU A 225 -2.70 -8.57 12.37
N PRO A 226 -3.65 -7.94 11.65
CA PRO A 226 -3.76 -8.15 10.20
C PRO A 226 -2.45 -8.02 9.42
N LEU A 227 -2.18 -9.06 8.64
CA LEU A 227 -1.00 -9.12 7.78
C LEU A 227 -1.54 -9.02 6.36
N THR A 228 -1.25 -7.91 5.70
CA THR A 228 -1.76 -7.69 4.34
C THR A 228 -0.69 -7.29 3.32
N ALA A 229 -1.12 -7.15 2.07
CA ALA A 229 -0.22 -6.75 1.00
C ALA A 229 -1.02 -6.08 -0.11
N ARG A 230 -0.35 -5.22 -0.87
CA ARG A 230 -0.99 -4.58 -2.01
C ARG A 230 -0.31 -5.26 -3.18
N PHE A 231 -1.08 -5.64 -4.20
CA PHE A 231 -0.53 -6.36 -5.34
C PHE A 231 -1.27 -6.01 -6.63
N GLY A 232 -0.52 -5.73 -7.69
CA GLY A 232 -1.13 -5.42 -8.98
C GLY A 232 -1.45 -6.75 -9.63
N VAL A 233 -2.74 -7.00 -9.89
CA VAL A 233 -3.14 -8.28 -10.48
C VAL A 233 -3.25 -8.33 -12.00
N LEU A 234 -3.14 -7.19 -12.64
CA LEU A 234 -3.15 -7.12 -14.10
C LEU A 234 -2.49 -5.80 -14.51
N GLU A 235 -2.03 -5.75 -15.75
CA GLU A 235 -1.35 -4.56 -16.28
C GLU A 235 -2.10 -3.79 -17.35
N TYR A 236 -3.07 -4.45 -17.99
CA TYR A 236 -3.81 -3.84 -19.11
C TYR A 236 -2.78 -3.64 -20.20
N ASP A 237 -2.01 -4.71 -20.42
CA ASP A 237 -0.93 -4.74 -21.39
C ASP A 237 -1.17 -5.78 -22.48
N GLY A 238 -2.41 -6.21 -22.63
CA GLY A 238 -2.71 -7.21 -23.65
C GLY A 238 -2.50 -8.64 -23.20
N ARG A 239 -2.07 -8.85 -21.96
CA ARG A 239 -1.86 -10.19 -21.41
C ARG A 239 -2.69 -10.33 -20.14
N ASP A 240 -3.82 -9.62 -20.09
CA ASP A 240 -4.65 -9.64 -18.89
C ASP A 240 -5.21 -10.97 -18.39
N GLU A 241 -5.78 -11.78 -19.28
CA GLU A 241 -6.33 -13.06 -18.83
C GLU A 241 -5.24 -13.95 -18.23
N GLN A 242 -4.11 -14.05 -18.92
CA GLN A 242 -3.01 -14.87 -18.43
C GLN A 242 -2.42 -14.31 -17.14
N THR A 243 -2.25 -13.00 -17.08
CA THR A 243 -1.69 -12.35 -15.91
C THR A 243 -2.63 -12.48 -14.69
N LEU A 244 -3.92 -12.26 -14.91
CA LEU A 244 -4.88 -12.34 -13.82
C LEU A 244 -4.94 -13.76 -13.26
N GLU A 245 -4.84 -14.76 -14.14
CA GLU A 245 -4.88 -16.15 -13.69
C GLU A 245 -3.71 -16.43 -12.76
N GLU A 246 -2.52 -15.98 -13.15
CA GLU A 246 -1.33 -16.18 -12.32
C GLU A 246 -1.40 -15.37 -11.03
N SER A 247 -1.92 -14.16 -11.12
CA SER A 247 -2.03 -13.28 -9.94
C SER A 247 -2.99 -13.85 -8.91
N ILE A 248 -4.10 -14.41 -9.39
CA ILE A 248 -5.07 -15.02 -8.49
C ILE A 248 -4.46 -16.25 -7.83
N GLU A 249 -3.65 -16.99 -8.59
CA GLU A 249 -3.00 -18.17 -8.03
C GLU A 249 -2.02 -17.74 -6.94
N LEU A 250 -1.31 -16.64 -7.17
CA LEU A 250 -0.37 -16.16 -6.16
C LEU A 250 -1.15 -15.70 -4.93
N ALA A 251 -2.33 -15.09 -5.16
CA ALA A 251 -3.17 -14.64 -4.05
C ALA A 251 -3.57 -15.83 -3.20
N ARG A 252 -3.80 -16.98 -3.84
CA ARG A 252 -4.17 -18.18 -3.09
C ARG A 252 -2.98 -18.61 -2.23
N ARG A 253 -1.78 -18.48 -2.77
CA ARG A 253 -0.59 -18.85 -2.02
C ARG A 253 -0.38 -17.87 -0.87
N PHE A 254 -0.72 -16.60 -1.09
CA PHE A 254 -0.59 -15.60 -0.04
C PHE A 254 -1.53 -15.99 1.10
N LYS A 255 -2.77 -16.33 0.77
CA LYS A 255 -3.75 -16.69 1.79
C LYS A 255 -3.25 -17.88 2.60
N ALA A 256 -2.76 -18.90 1.89
CA ALA A 256 -2.24 -20.09 2.55
C ALA A 256 -1.05 -19.72 3.42
N GLY A 257 -0.34 -18.66 3.03
CA GLY A 257 0.82 -18.21 3.77
C GLY A 257 0.50 -17.23 4.89
N GLY A 258 -0.77 -17.10 5.25
CA GLY A 258 -1.14 -16.21 6.34
C GLY A 258 -1.62 -14.80 6.02
N LEU A 259 -1.77 -14.46 4.75
CA LEU A 259 -2.23 -13.13 4.39
C LEU A 259 -3.70 -13.04 4.77
N ASP A 260 -4.06 -11.98 5.51
CA ASP A 260 -5.42 -11.78 5.98
C ASP A 260 -6.32 -10.98 5.03
N LEU A 261 -5.70 -10.14 4.22
CA LEU A 261 -6.46 -9.31 3.28
C LEU A 261 -5.52 -8.82 2.18
N LEU A 262 -6.06 -8.70 0.97
CA LEU A 262 -5.28 -8.25 -0.16
C LEU A 262 -5.81 -6.96 -0.76
N SER A 263 -4.94 -5.95 -0.87
CA SER A 263 -5.34 -4.70 -1.48
C SER A 263 -5.05 -4.90 -2.96
N VAL A 264 -6.12 -4.99 -3.74
CA VAL A 264 -6.03 -5.24 -5.18
C VAL A 264 -5.81 -3.99 -6.02
N SER A 265 -4.79 -4.02 -6.86
CA SER A 265 -4.48 -2.89 -7.71
C SER A 265 -3.99 -3.33 -9.08
N VAL A 266 -3.39 -2.38 -9.80
CA VAL A 266 -2.84 -2.61 -11.14
C VAL A 266 -1.32 -2.64 -10.99
N GLY A 267 -0.65 -3.33 -11.91
CA GLY A 267 0.80 -3.45 -11.83
C GLY A 267 1.66 -2.23 -12.07
N PHE A 268 1.32 -1.43 -13.08
CA PHE A 268 2.12 -0.25 -13.45
C PHE A 268 3.57 -0.68 -13.63
N THR A 269 3.80 -1.91 -14.08
CA THR A 269 5.16 -2.40 -14.26
C THR A 269 5.88 -1.76 -15.43
N ILE A 270 5.13 -1.48 -16.50
CA ILE A 270 5.68 -0.84 -17.70
C ILE A 270 4.76 0.30 -18.12
N PRO A 271 5.27 1.25 -18.91
CA PRO A 271 4.47 2.40 -19.37
C PRO A 271 3.51 2.15 -20.53
N ASP A 272 3.85 1.20 -21.40
CA ASP A 272 3.01 0.92 -22.56
C ASP A 272 1.79 0.07 -22.25
N THR A 273 0.78 0.71 -21.68
CA THR A 273 -0.46 0.03 -21.31
C THR A 273 -1.67 0.89 -21.64
N ASN A 274 -2.86 0.32 -21.46
CA ASN A 274 -4.10 1.05 -21.72
C ASN A 274 -5.10 0.77 -20.60
N ILE A 275 -4.91 1.46 -19.48
CA ILE A 275 -5.75 1.31 -18.31
C ILE A 275 -7.07 2.06 -18.47
N PRO A 276 -8.20 1.34 -18.34
CA PRO A 276 -9.54 1.93 -18.48
C PRO A 276 -9.99 2.69 -17.24
N TRP A 277 -9.32 3.81 -16.96
CA TRP A 277 -9.63 4.64 -15.80
C TRP A 277 -11.11 4.99 -15.73
N GLY A 278 -11.66 4.94 -14.52
CA GLY A 278 -13.06 5.27 -14.32
C GLY A 278 -13.42 5.13 -12.86
N PRO A 279 -14.53 5.75 -12.44
CA PRO A 279 -14.93 5.65 -11.03
C PRO A 279 -15.21 4.21 -10.63
N ALA A 280 -14.46 3.73 -9.63
CA ALA A 280 -14.60 2.37 -9.13
C ALA A 280 -14.33 1.32 -10.20
N PHE A 281 -13.50 1.65 -11.19
CA PHE A 281 -13.22 0.69 -12.26
C PHE A 281 -12.61 -0.62 -11.78
N MET A 282 -11.96 -0.60 -10.62
CA MET A 282 -11.33 -1.81 -10.07
C MET A 282 -12.34 -2.77 -9.44
N GLY A 283 -13.54 -2.30 -9.19
CA GLY A 283 -14.56 -3.14 -8.55
C GLY A 283 -14.68 -4.57 -9.06
N PRO A 284 -14.93 -4.76 -10.36
CA PRO A 284 -15.07 -6.10 -10.94
C PRO A 284 -13.86 -7.02 -10.75
N ILE A 285 -12.66 -6.48 -10.96
CA ILE A 285 -11.44 -7.27 -10.79
C ILE A 285 -11.24 -7.62 -9.32
N ALA A 286 -11.47 -6.66 -8.43
CA ALA A 286 -11.32 -6.92 -7.02
C ALA A 286 -12.25 -8.05 -6.59
N GLU A 287 -13.48 -8.01 -7.08
CA GLU A 287 -14.47 -9.02 -6.75
C GLU A 287 -14.05 -10.40 -7.23
N ARG A 288 -13.47 -10.47 -8.43
CA ARG A 288 -13.03 -11.75 -8.98
C ARG A 288 -11.91 -12.34 -8.12
N VAL A 289 -11.00 -11.49 -7.68
CA VAL A 289 -9.90 -11.96 -6.83
C VAL A 289 -10.47 -12.46 -5.50
N ARG A 290 -11.36 -11.68 -4.91
CA ARG A 290 -11.98 -12.03 -3.63
C ARG A 290 -12.67 -13.38 -3.74
N ARG A 291 -13.39 -13.59 -4.84
CA ARG A 291 -14.13 -14.82 -5.05
C ARG A 291 -13.27 -16.05 -5.38
N GLU A 292 -12.36 -15.89 -6.33
CA GLU A 292 -11.52 -17.00 -6.75
C GLU A 292 -10.37 -17.36 -5.79
N ALA A 293 -10.01 -16.42 -4.92
CA ALA A 293 -8.96 -16.69 -3.95
C ALA A 293 -9.56 -16.82 -2.55
N LYS A 294 -10.86 -16.54 -2.42
CA LYS A 294 -11.57 -16.61 -1.14
C LYS A 294 -10.79 -15.86 -0.08
N LEU A 295 -10.47 -14.61 -0.40
CA LEU A 295 -9.68 -13.76 0.48
C LEU A 295 -10.30 -12.37 0.55
N PRO A 296 -10.33 -11.76 1.74
CA PRO A 296 -10.89 -10.42 1.87
C PRO A 296 -10.06 -9.47 1.04
N VAL A 297 -10.70 -8.44 0.49
CA VAL A 297 -9.96 -7.47 -0.30
C VAL A 297 -10.46 -6.05 -0.12
N THR A 298 -9.64 -5.14 -0.63
CA THR A 298 -9.99 -3.73 -0.66
C THR A 298 -9.38 -3.29 -1.99
N SER A 299 -9.85 -2.16 -2.49
CA SER A 299 -9.29 -1.60 -3.71
C SER A 299 -9.60 -0.12 -3.68
N ALA A 300 -9.19 0.58 -4.72
CA ALA A 300 -9.41 2.01 -4.78
C ALA A 300 -9.40 2.53 -6.19
N TRP A 301 -9.62 3.85 -6.25
CA TRP A 301 -9.68 4.69 -7.44
C TRP A 301 -11.10 5.13 -7.75
N GLY A 302 -11.43 6.33 -7.31
CA GLY A 302 -12.75 6.89 -7.58
C GLY A 302 -13.86 6.49 -6.63
N PHE A 303 -13.54 5.92 -5.48
CA PHE A 303 -14.58 5.54 -4.53
C PHE A 303 -14.96 6.69 -3.60
N GLY A 304 -14.45 7.88 -3.90
CA GLY A 304 -14.75 9.06 -3.10
C GLY A 304 -16.19 9.55 -3.17
N THR A 305 -17.01 8.84 -3.95
CA THR A 305 -18.42 9.18 -4.07
C THR A 305 -19.12 8.20 -3.13
N PRO A 306 -19.67 8.70 -2.01
CA PRO A 306 -20.34 7.86 -1.02
C PRO A 306 -21.19 6.70 -1.54
N GLN A 307 -22.08 7.00 -2.48
CA GLN A 307 -22.95 5.97 -3.05
C GLN A 307 -22.18 4.83 -3.71
N LEU A 308 -21.08 5.15 -4.37
CA LEU A 308 -20.26 4.13 -5.03
C LEU A 308 -19.64 3.21 -3.98
N ALA A 309 -19.12 3.81 -2.91
CA ALA A 309 -18.50 3.03 -1.84
C ALA A 309 -19.53 2.07 -1.25
N GLU A 310 -20.72 2.61 -0.97
CA GLU A 310 -21.82 1.82 -0.40
C GLU A 310 -22.21 0.67 -1.31
N ALA A 311 -22.33 0.96 -2.61
CA ALA A 311 -22.72 -0.06 -3.59
C ALA A 311 -21.69 -1.17 -3.69
N ALA A 312 -20.40 -0.82 -3.66
CA ALA A 312 -19.35 -1.82 -3.78
C ALA A 312 -19.39 -2.80 -2.61
N LEU A 313 -19.67 -2.28 -1.42
CA LEU A 313 -19.75 -3.12 -0.23
C LEU A 313 -20.98 -4.01 -0.27
N GLN A 314 -22.13 -3.43 -0.60
CA GLN A 314 -23.37 -4.20 -0.66
C GLN A 314 -23.30 -5.33 -1.67
N ALA A 315 -22.54 -5.13 -2.75
CA ALA A 315 -22.39 -6.13 -3.80
C ALA A 315 -21.28 -7.12 -3.44
N ASN A 316 -20.66 -6.91 -2.30
CA ASN A 316 -19.57 -7.77 -1.84
C ASN A 316 -18.41 -7.85 -2.83
N GLN A 317 -18.09 -6.71 -3.43
CA GLN A 317 -16.97 -6.64 -4.37
C GLN A 317 -15.73 -6.37 -3.53
N LEU A 318 -15.94 -5.73 -2.39
CA LEU A 318 -14.87 -5.36 -1.47
C LEU A 318 -15.31 -5.51 -0.02
N ASP A 319 -14.33 -5.62 0.87
CA ASP A 319 -14.63 -5.73 2.31
C ASP A 319 -14.39 -4.38 2.95
N LEU A 320 -13.45 -3.63 2.40
CA LEU A 320 -13.12 -2.28 2.86
C LEU A 320 -13.01 -1.43 1.62
N VAL A 321 -13.46 -0.18 1.70
CA VAL A 321 -13.36 0.72 0.57
C VAL A 321 -12.25 1.71 0.85
N SER A 322 -11.25 1.75 -0.03
CA SER A 322 -10.14 2.68 0.15
C SER A 322 -10.44 3.99 -0.58
N VAL A 323 -10.34 5.09 0.16
CA VAL A 323 -10.63 6.42 -0.38
C VAL A 323 -9.40 7.29 -0.15
N GLY A 324 -8.73 7.66 -1.24
CA GLY A 324 -7.51 8.44 -1.12
C GLY A 324 -7.58 9.93 -1.33
N ARG A 325 -7.58 10.36 -2.59
CA ARG A 325 -7.58 11.78 -2.88
C ARG A 325 -8.73 12.56 -2.24
N ALA A 326 -9.88 11.94 -2.06
CA ALA A 326 -11.00 12.65 -1.43
C ALA A 326 -10.61 13.09 -0.01
N HIS A 327 -9.73 12.32 0.63
CA HIS A 327 -9.27 12.64 1.98
C HIS A 327 -8.21 13.74 1.99
N LEU A 328 -7.55 13.96 0.85
CA LEU A 328 -6.56 15.03 0.77
C LEU A 328 -7.38 16.31 0.60
N ALA A 329 -8.46 16.22 -0.16
CA ALA A 329 -9.34 17.35 -0.40
C ALA A 329 -10.10 17.72 0.88
N ASP A 330 -10.58 16.71 1.59
CA ASP A 330 -11.34 16.90 2.82
C ASP A 330 -10.99 15.80 3.81
N PRO A 331 -10.17 16.10 4.84
CA PRO A 331 -9.78 15.09 5.83
C PRO A 331 -10.97 14.48 6.57
N HIS A 332 -12.11 15.16 6.52
CA HIS A 332 -13.32 14.68 7.19
C HIS A 332 -14.29 14.06 6.19
N TRP A 333 -13.76 13.43 5.15
CA TRP A 333 -14.60 12.80 4.13
C TRP A 333 -15.59 11.82 4.74
N ALA A 334 -15.14 11.08 5.75
CA ALA A 334 -16.01 10.10 6.42
C ALA A 334 -17.29 10.75 6.90
N TYR A 335 -17.17 11.98 7.39
CA TYR A 335 -18.32 12.74 7.87
C TYR A 335 -19.21 13.10 6.69
N PHE A 336 -18.60 13.58 5.61
CA PHE A 336 -19.35 13.93 4.41
C PHE A 336 -20.11 12.71 3.90
N ALA A 337 -19.47 11.55 3.96
CA ALA A 337 -20.10 10.31 3.49
C ALA A 337 -21.25 9.91 4.39
N ALA A 338 -21.06 10.02 5.70
CA ALA A 338 -22.11 9.65 6.65
C ALA A 338 -23.37 10.47 6.40
N LYS A 339 -23.19 11.76 6.11
CA LYS A 339 -24.32 12.62 5.83
C LYS A 339 -24.98 12.19 4.53
N GLU A 340 -24.16 12.01 3.50
CA GLU A 340 -24.62 11.59 2.19
C GLU A 340 -25.41 10.29 2.21
N LEU A 341 -25.07 9.39 3.12
CA LEU A 341 -25.74 8.09 3.21
C LEU A 341 -26.81 8.03 4.30
N GLY A 342 -27.15 9.19 4.85
CA GLY A 342 -28.18 9.26 5.88
C GLY A 342 -27.91 8.51 7.17
N VAL A 343 -26.64 8.41 7.57
CA VAL A 343 -26.29 7.71 8.80
C VAL A 343 -26.83 8.49 10.00
N GLU A 344 -27.41 7.78 10.96
CA GLU A 344 -27.95 8.41 12.15
C GLU A 344 -26.82 9.02 12.95
N LYS A 345 -27.00 10.27 13.40
CA LYS A 345 -25.99 10.98 14.16
C LYS A 345 -24.68 10.99 13.38
N ALA A 346 -24.79 11.39 12.11
CA ALA A 346 -23.64 11.45 11.20
C ALA A 346 -22.51 12.33 11.71
N SER A 347 -22.85 13.38 12.44
CA SER A 347 -21.83 14.30 12.94
C SER A 347 -20.90 13.61 13.93
N TRP A 348 -21.39 12.57 14.61
CA TRP A 348 -20.56 11.90 15.58
C TRP A 348 -19.57 10.92 14.97
N THR A 349 -19.35 11.09 13.68
CA THR A 349 -18.36 10.31 12.95
C THR A 349 -17.07 11.04 13.36
N LEU A 350 -17.24 12.27 13.82
CA LEU A 350 -16.15 13.13 14.27
C LEU A 350 -16.13 13.22 15.80
N PRO A 351 -15.00 13.69 16.37
CA PRO A 351 -14.85 13.83 17.82
C PRO A 351 -15.84 14.87 18.36
N ALA A 352 -16.15 14.77 19.65
CA ALA A 352 -17.09 15.69 20.31
C ALA A 352 -16.89 17.18 20.02
N PRO A 353 -15.64 17.68 20.07
CA PRO A 353 -15.39 19.11 19.83
C PRO A 353 -15.92 19.61 18.48
N TYR A 354 -16.17 18.68 17.57
CA TYR A 354 -16.70 19.03 16.26
C TYR A 354 -18.15 18.55 16.17
N ALA A 355 -18.38 17.29 16.49
CA ALA A 355 -19.71 16.67 16.41
C ALA A 355 -20.83 17.42 17.11
N HIS A 356 -20.59 17.87 18.32
CA HIS A 356 -21.60 18.58 19.08
C HIS A 356 -22.22 19.73 18.31
N TRP A 357 -21.38 20.48 17.60
CA TRP A 357 -21.83 21.65 16.86
C TRP A 357 -22.34 21.43 15.45
N LEU A 358 -22.11 20.25 14.91
CA LEU A 358 -22.55 19.96 13.55
C LEU A 358 -23.86 19.17 13.48
N GLU A 359 -24.28 18.60 14.61
CA GLU A 359 -25.53 17.82 14.63
C GLU A 359 -26.76 18.70 14.48
S SO4 B . -26.62 14.59 12.16
O1 SO4 B . -25.18 14.86 12.03
O2 SO4 B . -26.96 14.38 13.57
O3 SO4 B . -26.96 13.37 11.39
O4 SO4 B . -27.38 15.73 11.62
S SO4 C . -17.91 -9.58 7.54
O1 SO4 C . -16.49 -9.34 7.22
O2 SO4 C . -18.11 -9.47 8.99
O3 SO4 C . -18.30 -10.92 7.08
O4 SO4 C . -18.74 -8.56 6.86
S SO4 D . -14.40 -14.25 2.01
O1 SO4 D . -13.37 -13.36 1.46
O2 SO4 D . -14.66 -13.89 3.42
O3 SO4 D . -13.94 -15.65 1.94
O4 SO4 D . -15.66 -14.11 1.23
S SO4 E . -11.34 8.93 -13.98
O1 SO4 E . -12.02 10.19 -13.61
O2 SO4 E . -9.88 9.09 -13.82
O3 SO4 E . -11.65 8.60 -15.40
O4 SO4 E . -11.82 7.84 -13.11
S SO4 F . 8.48 -23.74 -4.98
O1 SO4 F . 9.02 -23.17 -3.73
O2 SO4 F . 7.77 -25.00 -4.69
O3 SO4 F . 9.59 -24.01 -5.91
O4 SO4 F . 7.54 -22.77 -5.58
S SO4 G . -5.10 1.93 -7.81
O1 SO4 G . -5.37 0.67 -7.07
O2 SO4 G . -5.67 1.83 -9.17
O3 SO4 G . -3.65 2.17 -7.88
O4 SO4 G . -5.76 3.03 -7.10
S SO4 H . 4.19 -1.08 21.66
O1 SO4 H . 5.43 -1.32 22.42
O2 SO4 H . 3.02 -1.34 22.55
O3 SO4 H . 4.12 -2.01 20.51
O4 SO4 H . 4.16 0.31 21.19
S SO4 I . 3.55 -12.70 -15.70
O1 SO4 I . 4.69 -13.61 -15.48
O2 SO4 I . 2.92 -12.40 -14.40
O3 SO4 I . 2.58 -13.36 -16.58
O4 SO4 I . 4.06 -11.45 -16.32
S SO4 J . 15.73 17.49 -1.22
O1 SO4 J . 16.19 18.86 -1.45
O2 SO4 J . 14.75 17.46 -0.12
O3 SO4 J . 16.87 16.63 -0.87
O4 SO4 J . 15.09 16.98 -2.46
S SO4 K . 8.20 13.17 14.42
O1 SO4 K . 8.43 14.63 14.44
O2 SO4 K . 7.81 12.72 15.77
O3 SO4 K . 9.42 12.47 13.99
O4 SO4 K . 7.09 12.87 13.48
N1 FMN L . -0.41 3.62 -3.26
C2 FMN L . 0.43 2.76 -2.58
O2 FMN L . 0.33 1.64 -2.65
N3 FMN L . 1.50 3.43 -1.73
C4 FMN L . 1.70 4.82 -1.58
O4 FMN L . 2.57 5.32 -0.90
C4A FMN L . 0.80 5.68 -2.33
N5 FMN L . 0.90 7.03 -2.28
C5A FMN L . 0.04 7.89 -2.99
C6 FMN L . 0.25 9.35 -2.81
C7 FMN L . -0.62 10.25 -3.49
C7M FMN L . -0.29 11.60 -3.22
C8 FMN L . -1.83 9.76 -4.44
C8M FMN L . -2.77 10.54 -5.18
C9 FMN L . -1.95 8.37 -4.54
C9A FMN L . -1.08 7.36 -3.85
N10 FMN L . -1.14 5.81 -3.87
C10 FMN L . -0.29 4.94 -3.18
C1' FMN L . -2.24 5.32 -4.69
C2' FMN L . -3.51 5.53 -3.64
O2' FMN L . -3.31 4.66 -2.50
C3' FMN L . -4.86 5.17 -4.20
O3' FMN L . -4.90 3.77 -4.61
C4' FMN L . -5.15 6.09 -5.42
O4' FMN L . -5.09 7.49 -5.07
C5' FMN L . -6.54 5.81 -6.04
O5' FMN L . -7.64 6.12 -5.00
P FMN L . -8.39 7.53 -5.02
O1P FMN L . -7.42 8.62 -4.80
O2P FMN L . -9.09 7.66 -6.37
O3P FMN L . -9.37 7.41 -3.86
C5 8CM M . 2.95 7.24 -5.40
C6 8CM M . 3.84 6.53 -4.59
C7 8CM M . 3.72 5.13 -4.42
C8 8CM M . 2.69 4.43 -5.09
C1A 8CM M . 1.78 5.14 -5.93
C4A 8CM M . 1.91 6.55 -6.09
C4 8CM M . 0.91 7.22 -6.98
C3 8CM M . -0.04 6.51 -7.58
C2 8CM M . -0.16 5.01 -7.40
O1 8CM M . 0.79 4.36 -6.55
O2 8CM M . -1.00 4.30 -7.92
O8 8CM M . 2.57 3.05 -4.93
C5 8CM N . 8.46 -10.73 20.02
C6 8CM N . 7.98 -9.75 20.90
C7 8CM N . 6.71 -9.17 20.71
C8 8CM N . 5.89 -9.56 19.63
C1A 8CM N . 6.37 -10.55 18.73
C4A 8CM N . 7.67 -11.15 18.92
C4 8CM N . 8.09 -12.19 17.93
C3 8CM N . 7.28 -12.53 16.91
C2 8CM N . 5.92 -11.88 16.73
O1 8CM N . 5.51 -10.89 17.68
O2 8CM N . 5.13 -12.14 15.84
O8 8CM N . 4.63 -8.97 19.45
C5 8CM O . 4.85 -12.87 21.53
C6 8CM O . 4.23 -11.84 22.25
C7 8CM O . 3.07 -11.19 21.74
C8 8CM O . 2.52 -11.58 20.50
C1A 8CM O . 3.16 -12.64 19.76
C4A 8CM O . 4.32 -13.29 20.27
C4 8CM O . 4.91 -14.38 19.44
C3 8CM O . 4.36 -14.72 18.25
C2 8CM O . 3.11 -14.01 17.72
O1 8CM O . 2.54 -12.97 18.53
O2 8CM O . 2.55 -14.27 16.67
O8 8CM O . 1.38 -10.95 20.00
#